data_2I4A
#
_entry.id   2I4A
#
_cell.length_a   33.940
_cell.length_b   42.240
_cell.length_c   63.670
_cell.angle_alpha   90.00
_cell.angle_beta   90.00
_cell.angle_gamma   90.00
#
_symmetry.space_group_name_H-M   'P 21 21 21'
#
loop_
_entity.id
_entity.type
_entity.pdbx_description
1 polymer thioredoxin
2 non-polymer BETA-MERCAPTOETHANOL
3 water water
#
_entity_poly.entity_id   1
_entity_poly.type   'polypeptide(L)'
_entity_poly.pdbx_seq_one_letter_code
;SEHTLAVSDSSFDQDVLKASGLVLVDFWAEWCGPCKMIGPALGEIGKEFAGKVTVAKVNIDDNPETPNAYQVRSIPTLML
VRDGKVIDKKVGALPKSQLKAWVESAQ
;
_entity_poly.pdbx_strand_id   A
#
# COMPACT_ATOMS: atom_id res chain seq x y z
N SER A 1 -16.14 2.79 4.72
CA SER A 1 -14.86 3.10 5.38
C SER A 1 -13.76 3.21 4.34
N GLU A 2 -12.56 3.49 4.81
CA GLU A 2 -11.39 3.65 3.93
C GLU A 2 -10.63 2.35 3.71
N HIS A 3 -11.04 1.24 4.34
CA HIS A 3 -10.43 -0.05 4.05
C HIS A 3 -8.92 -0.02 4.20
N THR A 4 -8.46 0.70 5.23
CA THR A 4 -7.05 0.87 5.50
C THR A 4 -6.67 0.19 6.81
N LEU A 5 -5.66 -0.68 6.70
CA LEU A 5 -5.17 -1.53 7.74
C LEU A 5 -3.75 -1.17 8.12
N ALA A 6 -3.43 -1.23 9.41
CA ALA A 6 -2.05 -1.17 9.88
C ALA A 6 -1.55 -2.58 9.96
N VAL A 7 -0.55 -2.92 9.12
CA VAL A 7 -0.03 -4.27 8.98
C VAL A 7 1.39 -4.32 9.50
N SER A 8 1.75 -5.41 10.20
CA SER A 8 3.07 -5.58 10.74
C SER A 8 3.82 -6.64 9.97
N ASP A 9 5.12 -6.77 10.26
CA ASP A 9 5.90 -7.89 9.70
C ASP A 9 5.25 -9.21 10.06
N SER A 10 4.73 -9.38 11.25
CA SER A 10 4.14 -10.67 11.63
C SER A 10 2.79 -10.92 11.01
N SER A 11 2.03 -9.91 10.66
CA SER A 11 0.70 -10.10 10.05
C SER A 11 0.66 -9.95 8.56
N PHE A 12 1.81 -9.62 7.94
CA PHE A 12 1.82 -9.36 6.52
C PHE A 12 1.30 -10.55 5.66
N ASP A 13 1.76 -11.74 6.09
CA ASP A 13 1.35 -12.95 5.33
C ASP A 13 -0.15 -13.09 5.30
N GLN A 14 -0.79 -13.01 6.50
CA GLN A 14 -2.23 -13.12 6.56
C GLN A 14 -2.97 -11.98 5.90
N ASP A 15 -2.50 -10.73 6.20
CA ASP A 15 -3.25 -9.55 5.84
C ASP A 15 -3.11 -9.13 4.39
N VAL A 16 -1.92 -9.48 3.81
CA VAL A 16 -1.60 -9.05 2.44
C VAL A 16 -1.51 -10.29 1.53
N LEU A 17 -0.64 -11.22 1.87
CA LEU A 17 -0.42 -12.35 0.93
C LEU A 17 -1.61 -13.26 0.85
N LYS A 18 -2.40 -13.36 1.91
CA LYS A 18 -3.61 -14.21 1.95
C LYS A 18 -4.87 -13.35 1.94
N ALA A 19 -4.78 -12.11 1.45
CA ALA A 19 -5.91 -11.30 1.30
C ALA A 19 -6.74 -11.76 0.04
N SER A 20 -8.02 -11.51 0.12
CA SER A 20 -8.87 -11.55 -1.09
C SER A 20 -8.79 -10.17 -1.76
N GLY A 21 -9.05 -10.15 -2.95
CA GLY A 21 -9.11 -8.93 -3.74
C GLY A 21 -7.66 -8.34 -3.97
N LEU A 22 -7.66 -7.09 -4.27
CA LEU A 22 -6.45 -6.33 -4.61
C LEU A 22 -5.97 -5.60 -3.35
N VAL A 23 -4.66 -5.66 -3.12
CA VAL A 23 -4.05 -4.98 -1.98
C VAL A 23 -3.13 -3.90 -2.49
N LEU A 24 -3.24 -2.70 -1.94
CA LEU A 24 -2.31 -1.59 -2.15
C LEU A 24 -1.46 -1.47 -0.88
N VAL A 25 -0.22 -1.92 -0.96
CA VAL A 25 0.71 -1.83 0.15
C VAL A 25 1.36 -0.49 0.12
N ASP A 26 1.35 0.21 1.28
CA ASP A 26 1.92 1.55 1.45
C ASP A 26 3.03 1.51 2.48
N PHE A 27 4.27 1.55 2.02
CA PHE A 27 5.42 1.58 2.93
C PHE A 27 5.68 3.05 3.30
N TRP A 28 5.63 3.33 4.61
CA TRP A 28 5.63 4.72 5.08
C TRP A 28 6.41 4.80 6.37
N ALA A 29 6.66 6.08 6.78
CA ALA A 29 7.20 6.35 8.12
C ALA A 29 6.83 7.78 8.48
N GLU A 30 6.92 8.09 9.79
CA GLU A 30 6.48 9.40 10.27
C GLU A 30 7.43 10.52 9.75
N TRP A 31 8.66 10.20 9.42
CA TRP A 31 9.61 11.20 8.91
C TRP A 31 9.45 11.44 7.45
N CYS A 32 8.50 10.82 6.78
CA CYS A 32 8.38 10.92 5.36
C CYS A 32 7.24 11.85 4.97
N GLY A 33 7.58 13.08 4.59
CA GLY A 33 6.59 14.04 4.17
C GLY A 33 5.71 13.60 3.01
N PRO A 34 6.31 13.07 1.95
CA PRO A 34 5.50 12.64 0.80
C PRO A 34 4.51 11.53 1.18
N CYS A 35 4.93 10.65 2.07
CA CYS A 35 4.03 9.61 2.55
C CYS A 35 2.77 10.18 3.16
N LYS A 36 2.98 11.19 4.01
CA LYS A 36 1.85 11.83 4.65
C LYS A 36 1.01 12.61 3.62
N MET A 37 1.65 13.17 2.62
CA MET A 37 0.92 13.90 1.58
C MET A 37 -0.02 13.02 0.81
N ILE A 38 0.35 11.77 0.52
CA ILE A 38 -0.51 10.86 -0.25
C ILE A 38 -1.49 10.10 0.62
N GLY A 39 -1.37 10.20 1.94
CA GLY A 39 -2.26 9.43 2.83
C GLY A 39 -3.72 9.70 2.57
N PRO A 40 -4.17 10.95 2.45
CA PRO A 40 -5.60 11.15 2.24
C PRO A 40 -6.05 10.49 0.95
N ALA A 41 -5.27 10.63 -0.11
CA ALA A 41 -5.61 10.02 -1.39
C ALA A 41 -5.74 8.51 -1.29
N LEU A 42 -4.85 7.88 -0.55
CA LEU A 42 -4.95 6.44 -0.39
C LEU A 42 -6.20 6.03 0.30
N GLY A 43 -6.55 6.76 1.35
CA GLY A 43 -7.82 6.47 2.06
C GLY A 43 -9.01 6.69 1.17
N GLU A 44 -8.99 7.73 0.36
CA GLU A 44 -10.04 7.98 -0.58
C GLU A 44 -10.17 6.83 -1.58
N ILE A 45 -9.06 6.31 -2.08
CA ILE A 45 -9.08 5.13 -2.93
C ILE A 45 -9.71 3.95 -2.22
N GLY A 46 -9.34 3.74 -0.98
CA GLY A 46 -9.95 2.65 -0.24
C GLY A 46 -11.46 2.81 -0.14
N LYS A 47 -11.91 4.04 0.13
CA LYS A 47 -13.36 4.28 0.20
C LYS A 47 -14.01 4.06 -1.16
N GLU A 48 -13.43 4.57 -2.23
CA GLU A 48 -14.01 4.55 -3.52
C GLU A 48 -14.17 3.12 -4.08
N PHE A 49 -13.27 2.22 -3.76
CA PHE A 49 -13.36 0.85 -4.22
C PHE A 49 -14.22 -0.04 -3.30
N ALA A 50 -14.70 0.50 -2.17
CA ALA A 50 -15.81 -0.10 -1.39
C ALA A 50 -15.54 -1.48 -0.91
N GLY A 51 -14.24 -1.81 -0.66
CA GLY A 51 -13.83 -3.08 -0.14
C GLY A 51 -13.16 -3.97 -1.13
N LYS A 52 -13.16 -3.60 -2.43
CA LYS A 52 -12.46 -4.36 -3.43
C LYS A 52 -10.94 -4.16 -3.33
N VAL A 53 -10.50 -3.08 -2.70
CA VAL A 53 -9.07 -2.78 -2.48
C VAL A 53 -8.88 -2.63 -0.99
N THR A 54 -7.85 -3.26 -0.49
CA THR A 54 -7.39 -3.06 0.88
C THR A 54 -6.10 -2.26 0.86
N VAL A 55 -6.04 -1.17 1.62
CA VAL A 55 -4.80 -0.38 1.74
C VAL A 55 -4.10 -0.89 2.97
N ALA A 56 -2.94 -1.50 2.78
CA ALA A 56 -2.14 -2.11 3.84
C ALA A 56 -0.95 -1.20 4.12
N LYS A 57 -1.03 -0.46 5.22
CA LYS A 57 0.04 0.45 5.63
C LYS A 57 1.05 -0.30 6.44
N VAL A 58 2.32 -0.22 6.00
CA VAL A 58 3.43 -0.88 6.66
C VAL A 58 4.42 0.22 7.06
N ASN A 59 4.48 0.49 8.38
CA ASN A 59 5.41 1.47 8.91
C ASN A 59 6.80 0.82 8.92
N ILE A 60 7.73 1.40 8.15
CA ILE A 60 9.02 0.75 7.94
C ILE A 60 9.98 0.94 9.10
N ASP A 61 9.69 1.87 10.02
CA ASP A 61 10.50 1.98 11.23
C ASP A 61 10.19 0.85 12.17
N ASP A 62 8.93 0.45 12.26
CA ASP A 62 8.51 -0.61 13.19
C ASP A 62 8.63 -2.00 12.58
N ASN A 63 8.71 -2.09 11.24
CA ASN A 63 8.60 -3.35 10.49
C ASN A 63 9.70 -3.38 9.46
N PRO A 64 10.92 -3.76 9.84
CA PRO A 64 12.03 -3.77 8.88
C PRO A 64 12.02 -4.97 7.96
N GLU A 65 11.39 -6.06 8.32
CA GLU A 65 11.57 -7.29 7.51
C GLU A 65 10.89 -7.17 6.16
N THR A 66 9.68 -6.65 6.14
CA THR A 66 8.87 -6.60 4.92
C THR A 66 9.49 -5.66 3.87
N PRO A 67 9.87 -4.42 4.21
CA PRO A 67 10.50 -3.59 3.17
C PRO A 67 11.81 -4.23 2.69
N ASN A 68 12.56 -4.90 3.57
CA ASN A 68 13.76 -5.58 3.10
C ASN A 68 13.39 -6.67 2.08
N ALA A 69 12.37 -7.48 2.35
CA ALA A 69 11.99 -8.55 1.46
C ALA A 69 11.63 -8.04 0.09
N TYR A 70 11.01 -6.86 0.04
CA TYR A 70 10.52 -6.30 -1.23
C TYR A 70 11.49 -5.25 -1.81
N GLN A 71 12.69 -5.21 -1.28
CA GLN A 71 13.76 -4.34 -1.85
C GLN A 71 13.30 -2.90 -1.90
N VAL A 72 12.67 -2.42 -0.83
CA VAL A 72 12.26 -1.03 -0.74
C VAL A 72 13.52 -0.19 -0.53
N ARG A 73 13.80 0.72 -1.47
CA ARG A 73 15.03 1.52 -1.49
C ARG A 73 14.81 2.96 -1.10
N SER A 74 13.57 3.36 -0.91
CA SER A 74 13.17 4.71 -0.51
C SER A 74 11.66 4.64 -0.26
N ILE A 75 11.14 5.60 0.45
CA ILE A 75 9.69 5.75 0.58
C ILE A 75 9.28 7.14 0.16
N PRO A 76 8.03 7.34 -0.27
CA PRO A 76 6.97 6.30 -0.41
C PRO A 76 7.33 5.26 -1.44
N THR A 77 7.00 4.00 -1.11
CA THR A 77 6.88 2.93 -2.10
C THR A 77 5.53 2.31 -1.89
N LEU A 78 4.83 2.18 -3.02
CA LEU A 78 3.52 1.54 -3.07
C LEU A 78 3.66 0.26 -3.89
N MET A 79 2.89 -0.75 -3.53
CA MET A 79 2.85 -2.00 -4.31
C MET A 79 1.42 -2.41 -4.50
N LEU A 80 1.11 -2.92 -5.68
CA LEU A 80 -0.18 -3.62 -5.91
C LEU A 80 0.11 -5.12 -5.82
N VAL A 81 -0.70 -5.82 -4.99
CA VAL A 81 -0.50 -7.24 -4.72
C VAL A 81 -1.83 -7.92 -4.90
N ARG A 82 -1.83 -9.10 -5.53
CA ARG A 82 -3.04 -9.92 -5.64
C ARG A 82 -2.61 -11.38 -5.64
N ASP A 83 -3.34 -12.22 -4.93
CA ASP A 83 -2.97 -13.64 -4.87
C ASP A 83 -1.56 -13.86 -4.41
N GLY A 84 -1.11 -13.01 -3.50
CA GLY A 84 0.19 -13.17 -2.91
C GLY A 84 1.37 -12.70 -3.81
N LYS A 85 1.09 -12.13 -4.95
CA LYS A 85 2.11 -11.74 -5.93
C LYS A 85 2.07 -10.28 -6.22
N VAL A 86 3.24 -9.65 -6.34
CA VAL A 86 3.34 -8.26 -6.69
C VAL A 86 2.99 -8.12 -8.16
N ILE A 87 2.08 -7.21 -8.45
CA ILE A 87 1.70 -6.81 -9.80
C ILE A 87 2.54 -5.67 -10.28
N ASP A 88 2.79 -4.65 -9.45
CA ASP A 88 3.57 -3.52 -9.84
C ASP A 88 3.95 -2.71 -8.58
N LYS A 89 4.89 -1.81 -8.73
CA LYS A 89 5.35 -0.94 -7.66
C LYS A 89 5.44 0.49 -8.17
N LYS A 90 5.27 1.46 -7.32
CA LYS A 90 5.49 2.87 -7.60
C LYS A 90 6.36 3.43 -6.51
N VAL A 91 7.28 4.31 -6.87
CA VAL A 91 8.13 5.03 -5.93
C VAL A 91 7.85 6.50 -6.04
N GLY A 92 7.65 7.16 -4.93
CA GLY A 92 7.39 8.59 -4.91
C GLY A 92 5.92 8.91 -4.90
N ALA A 93 5.59 10.14 -4.44
CA ALA A 93 4.23 10.58 -4.42
C ALA A 93 3.69 10.74 -5.85
N LEU A 94 2.39 10.61 -6.00
CA LEU A 94 1.68 10.92 -7.24
C LEU A 94 0.35 11.53 -6.87
N PRO A 95 -0.26 12.27 -7.80
CA PRO A 95 -1.62 12.85 -7.56
C PRO A 95 -2.66 11.76 -7.46
N LYS A 96 -3.76 12.10 -6.78
CA LYS A 96 -4.84 11.16 -6.60
C LYS A 96 -5.30 10.55 -7.88
N SER A 97 -5.51 11.33 -8.93
CA SER A 97 -6.06 10.71 -10.17
C SER A 97 -5.14 9.69 -10.79
N GLN A 98 -3.85 9.93 -10.68
CA GLN A 98 -2.91 8.97 -11.20
C GLN A 98 -2.83 7.72 -10.33
N LEU A 99 -2.88 7.88 -9.03
CA LEU A 99 -2.99 6.70 -8.13
C LEU A 99 -4.22 5.88 -8.43
N LYS A 100 -5.35 6.55 -8.61
CA LYS A 100 -6.60 5.84 -8.86
C LYS A 100 -6.48 5.10 -10.20
N ALA A 101 -5.95 5.74 -11.26
CA ALA A 101 -5.83 5.09 -12.52
C ALA A 101 -4.93 3.87 -12.45
N TRP A 102 -3.89 3.96 -11.66
CA TRP A 102 -2.97 2.82 -11.48
C TRP A 102 -3.71 1.66 -10.87
N VAL A 103 -4.47 1.89 -9.79
CA VAL A 103 -5.25 0.82 -9.19
C VAL A 103 -6.22 0.25 -10.16
N GLU A 104 -6.94 1.08 -10.90
CA GLU A 104 -7.90 0.59 -11.88
C GLU A 104 -7.27 -0.26 -12.96
N SER A 105 -6.03 0.04 -13.29
CA SER A 105 -5.38 -0.66 -14.37
C SER A 105 -5.12 -2.09 -14.00
N ALA A 106 -5.14 -2.44 -12.73
CA ALA A 106 -4.90 -3.83 -12.32
C ALA A 106 -6.11 -4.70 -12.66
N GLN A 107 -7.26 -4.08 -12.96
CA GLN A 107 -8.53 -4.68 -13.33
C GLN A 107 -9.48 -5.38 -12.39
#